data_5J9I
#
_entry.id   5J9I
#
_cell.length_a   115.360
_cell.length_b   61.160
_cell.length_c   73.850
_cell.angle_alpha   90.000
_cell.angle_beta   106.690
_cell.angle_gamma   90.000
#
_symmetry.space_group_name_H-M   'C 1 2 1'
#
loop_
_entity.id
_entity.type
_entity.pdbx_description
1 polymer 'Antitoxin igA-2'
2 water water
#
_entity_poly.entity_id   1
_entity_poly.type   'polypeptide(L)'
_entity_poly.pdbx_seq_one_letter_code
;MSNRDLFAELSSALVEAKQHSEGKLTLKTHHVNDVGELNISPDEIVSIREQFNMSRGVFARLLHTSSRTLENWEQGRSVP
NGQAVTLLKLVQRHPETLSHIAEL
;
_entity_poly.pdbx_strand_id   A,B,C,D,E,F,G,H
#
# COMPACT_ATOMS: atom_id res chain seq x y z
N LEU A 38 -10.69 -15.95 24.51
CA LEU A 38 -12.03 -15.54 24.92
C LEU A 38 -12.01 -14.15 25.56
N ASN A 39 -11.18 -13.98 26.59
CA ASN A 39 -11.06 -12.71 27.30
C ASN A 39 -9.65 -12.38 27.74
N ILE A 40 -9.35 -11.09 27.74
CA ILE A 40 -8.05 -10.61 28.19
C ILE A 40 -8.21 -9.19 28.69
N SER A 41 -7.69 -8.92 29.87
CA SER A 41 -7.82 -7.60 30.46
C SER A 41 -6.69 -6.70 30.00
N PRO A 42 -6.89 -5.39 30.15
CA PRO A 42 -5.84 -4.42 29.77
C PRO A 42 -4.52 -4.75 30.45
N ASP A 43 -4.54 -5.10 31.74
CA ASP A 43 -3.29 -5.40 32.44
C ASP A 43 -2.57 -6.60 31.83
N GLU A 44 -3.34 -7.62 31.44
CA GLU A 44 -2.79 -8.82 30.82
C GLU A 44 -2.19 -8.55 29.44
N ILE A 45 -2.83 -7.68 28.67
CA ILE A 45 -2.28 -7.29 27.37
C ILE A 45 -0.90 -6.63 27.56
N VAL A 46 -0.81 -5.68 28.48
CA VAL A 46 0.48 -5.05 28.81
C VAL A 46 1.49 -6.08 29.21
N SER A 47 1.08 -7.03 30.07
CA SER A 47 2.01 -8.05 30.55
C SER A 47 2.58 -8.90 29.42
N ILE A 48 1.82 -9.16 28.36
CA ILE A 48 2.33 -9.97 27.24
C ILE A 48 3.52 -9.30 26.60
N ARG A 49 3.33 -8.01 26.36
CA ARG A 49 4.35 -7.18 25.77
C ARG A 49 5.60 -7.19 26.67
N GLU A 50 5.37 -7.15 27.98
CA GLU A 50 6.47 -7.14 28.92
C GLU A 50 7.33 -8.42 28.90
N GLN A 51 6.75 -9.57 28.56
CA GLN A 51 7.51 -10.82 28.34
C GLN A 51 8.64 -10.61 27.33
N PHE A 52 8.35 -9.79 26.33
CA PHE A 52 9.26 -9.59 25.20
C PHE A 52 10.18 -8.40 25.42
N ASN A 53 9.96 -7.67 26.51
CA ASN A 53 10.71 -6.47 26.80
C ASN A 53 10.65 -5.45 25.67
N MET A 54 9.44 -5.31 25.14
CA MET A 54 9.19 -4.46 23.99
C MET A 54 8.34 -3.28 24.34
N SER A 55 8.62 -2.18 23.66
CA SER A 55 7.77 -1.02 23.75
C SER A 55 6.44 -1.29 23.03
N ARG A 56 5.46 -0.49 23.36
CA ARG A 56 4.17 -0.62 22.70
C ARG A 56 4.28 -0.56 21.20
N GLY A 57 5.02 0.41 20.65
CA GLY A 57 5.06 0.57 19.21
C GLY A 57 5.71 -0.59 18.53
N VAL A 58 6.74 -1.11 19.16
CA VAL A 58 7.46 -2.25 18.57
C VAL A 58 6.59 -3.51 18.55
N PHE A 59 5.95 -3.80 19.66
CA PHE A 59 5.06 -4.96 19.79
C PHE A 59 3.87 -4.87 18.82
N ALA A 60 3.24 -3.70 18.77
CA ALA A 60 2.16 -3.45 17.85
C ALA A 60 2.60 -3.71 16.43
N ARG A 61 3.77 -3.18 16.05
CA ARG A 61 4.23 -3.38 14.68
C ARG A 61 4.44 -4.85 14.36
N LEU A 62 4.96 -5.61 15.33
CA LEU A 62 5.18 -7.03 15.11
C LEU A 62 3.83 -7.78 14.97
N LEU A 63 2.77 -7.24 15.58
CA LEU A 63 1.40 -7.81 15.46
C LEU A 63 0.57 -7.23 14.29
N HIS A 64 1.21 -6.45 13.42
CA HIS A 64 0.52 -5.74 12.31
C HIS A 64 -0.68 -4.93 12.78
N THR A 65 -0.53 -4.33 13.96
CA THR A 65 -1.60 -3.59 14.60
C THR A 65 -1.04 -2.20 14.77
N SER A 66 -1.88 -1.18 14.83
CA SER A 66 -1.30 0.13 14.99
C SER A 66 -1.00 0.32 16.45
N SER A 67 0.00 1.18 16.69
CA SER A 67 0.39 1.50 18.03
C SER A 67 -0.76 2.07 18.83
N ARG A 68 -1.57 2.90 18.18
CA ARG A 68 -2.62 3.61 18.88
C ARG A 68 -3.77 2.63 19.20
N THR A 69 -4.00 1.66 18.32
CA THR A 69 -5.05 0.66 18.60
C THR A 69 -4.67 -0.14 19.82
N LEU A 70 -3.43 -0.58 19.84
CA LEU A 70 -2.91 -1.30 20.98
C LEU A 70 -2.96 -0.47 22.25
N GLU A 71 -2.65 0.82 22.13
CA GLU A 71 -2.68 1.69 23.29
C GLU A 71 -4.09 1.71 23.86
N ASN A 72 -5.07 1.82 22.97
CA ASN A 72 -6.47 1.86 23.42
C ASN A 72 -6.83 0.61 24.20
N TRP A 73 -6.31 -0.53 23.77
CA TRP A 73 -6.60 -1.80 24.45
C TRP A 73 -5.91 -1.85 25.78
N GLU A 74 -4.63 -1.49 25.77
CA GLU A 74 -3.83 -1.51 27.00
C GLU A 74 -4.36 -0.55 28.02
N GLN A 75 -5.01 0.50 27.54
CA GLN A 75 -5.49 1.53 28.45
C GLN A 75 -6.96 1.36 28.79
N GLY A 76 -7.59 0.33 28.26
CA GLY A 76 -8.96 0.07 28.67
C GLY A 76 -9.96 1.08 28.12
N ARG A 77 -9.78 1.50 26.87
CA ARG A 77 -10.72 2.43 26.27
C ARG A 77 -11.59 1.72 25.25
N SER A 78 -11.07 0.61 24.71
CA SER A 78 -11.85 -0.25 23.84
C SER A 78 -11.46 -1.71 24.07
N VAL A 79 -12.24 -2.61 23.51
CA VAL A 79 -11.99 -4.04 23.68
C VAL A 79 -11.46 -4.62 22.39
N PRO A 80 -10.41 -5.45 22.46
CA PRO A 80 -9.99 -6.04 21.19
C PRO A 80 -11.00 -7.01 20.60
N ASN A 81 -11.06 -7.13 19.27
CA ASN A 81 -11.95 -8.14 18.70
C ASN A 81 -11.44 -9.55 19.06
N GLY A 82 -12.29 -10.54 18.80
CA GLY A 82 -12.04 -11.92 19.14
C GLY A 82 -10.78 -12.46 18.49
N GLN A 83 -10.49 -12.03 17.26
CA GLN A 83 -9.26 -12.55 16.61
C GLN A 83 -7.98 -11.90 17.18
N ALA A 84 -8.08 -10.65 17.59
CA ALA A 84 -6.94 -9.98 18.23
C ALA A 84 -6.64 -10.65 19.55
N VAL A 85 -7.70 -10.95 20.32
CA VAL A 85 -7.52 -11.63 21.60
C VAL A 85 -6.81 -12.95 21.34
N THR A 86 -7.28 -13.70 20.36
CA THR A 86 -6.66 -14.96 19.96
C THR A 86 -5.21 -14.76 19.62
N LEU A 87 -4.92 -13.77 18.78
CA LEU A 87 -3.55 -13.46 18.44
C LEU A 87 -2.68 -13.10 19.64
N LEU A 88 -3.17 -12.26 20.54
CA LEU A 88 -2.35 -11.89 21.70
C LEU A 88 -2.06 -13.12 22.54
N LYS A 89 -3.09 -13.94 22.73
CA LYS A 89 -2.92 -15.09 23.59
C LYS A 89 -1.95 -16.08 22.95
N LEU A 90 -1.99 -16.17 21.64
CA LEU A 90 -1.08 -17.05 20.91
C LEU A 90 0.38 -16.67 21.11
N VAL A 91 0.64 -15.37 20.99
CA VAL A 91 1.98 -14.84 21.10
C VAL A 91 2.52 -15.03 22.50
N GLN A 92 1.61 -14.90 23.46
CA GLN A 92 1.94 -15.01 24.86
C GLN A 92 2.56 -16.38 25.14
N ARG A 93 1.88 -17.42 24.66
CA ARG A 93 2.27 -18.79 24.97
C ARG A 93 3.31 -19.30 23.97
N HIS A 94 3.28 -18.76 22.77
CA HIS A 94 4.12 -19.23 21.68
C HIS A 94 4.88 -18.06 21.06
N PRO A 95 5.92 -17.58 21.75
CA PRO A 95 6.60 -16.35 21.34
C PRO A 95 7.15 -16.45 19.92
N GLU A 96 7.45 -17.67 19.48
CA GLU A 96 7.97 -17.87 18.11
C GLU A 96 6.95 -17.39 17.05
N THR A 97 5.70 -17.18 17.46
CA THR A 97 4.69 -16.64 16.52
C THR A 97 5.07 -15.25 15.96
N LEU A 98 5.79 -14.43 16.73
CA LEU A 98 6.16 -13.09 16.26
C LEU A 98 7.06 -13.21 15.05
N SER A 99 7.99 -14.16 15.10
CA SER A 99 8.88 -14.39 13.97
C SER A 99 8.08 -14.91 12.79
N HIS A 100 7.16 -15.82 13.04
CA HIS A 100 6.37 -16.34 11.93
C HIS A 100 5.66 -15.20 11.23
N ILE A 101 5.10 -14.30 12.01
CA ILE A 101 4.38 -13.21 11.43
C ILE A 101 5.27 -12.35 10.56
N ALA A 102 6.48 -12.15 11.03
CA ALA A 102 7.41 -11.23 10.38
C ALA A 102 7.80 -11.74 9.03
N GLU A 103 7.65 -13.04 8.86
CA GLU A 103 8.10 -13.65 7.64
C GLU A 103 6.94 -13.82 6.67
N LEU A 104 5.76 -13.34 7.07
CA LEU A 104 4.56 -13.51 6.22
C LEU A 104 4.66 -12.60 5.01
N GLU B 37 0.67 -4.20 4.22
CA GLU B 37 -0.55 -4.70 4.85
C GLU B 37 -0.81 -6.11 4.33
N LEU B 38 -1.09 -7.03 5.24
CA LEU B 38 -1.36 -8.39 4.84
C LEU B 38 -2.73 -8.49 4.18
N ASN B 39 -2.84 -9.42 3.24
CA ASN B 39 -4.08 -9.64 2.54
C ASN B 39 -4.26 -11.13 2.35
N ILE B 40 -5.51 -11.57 2.29
CA ILE B 40 -5.76 -12.96 1.98
C ILE B 40 -7.02 -12.95 1.16
N SER B 41 -6.99 -13.71 0.07
CA SER B 41 -8.15 -13.69 -0.82
C SER B 41 -9.22 -14.63 -0.32
N PRO B 42 -10.48 -14.40 -0.73
CA PRO B 42 -11.60 -15.25 -0.33
C PRO B 42 -11.35 -16.72 -0.65
N ASP B 43 -10.82 -16.99 -1.84
CA ASP B 43 -10.52 -18.34 -2.25
C ASP B 43 -9.49 -18.98 -1.34
N GLU B 44 -8.52 -18.18 -0.88
CA GLU B 44 -7.45 -18.71 -0.02
C GLU B 44 -8.00 -19.14 1.32
N ILE B 45 -8.95 -18.37 1.82
CA ILE B 45 -9.62 -18.69 3.07
C ILE B 45 -10.33 -20.03 2.95
N VAL B 46 -11.09 -20.22 1.87
CA VAL B 46 -11.76 -21.50 1.63
C VAL B 46 -10.73 -22.62 1.53
N SER B 47 -9.66 -22.39 0.78
CA SER B 47 -8.66 -23.45 0.67
C SER B 47 -8.02 -23.82 2.01
N ILE B 48 -7.76 -22.85 2.88
CA ILE B 48 -7.15 -23.17 4.17
C ILE B 48 -8.06 -24.14 4.90
N ARG B 49 -9.33 -23.78 4.94
CA ARG B 49 -10.29 -24.58 5.68
C ARG B 49 -10.35 -25.98 5.15
N GLU B 50 -10.41 -26.12 3.84
CA GLU B 50 -10.52 -27.44 3.22
C GLU B 50 -9.28 -28.27 3.50
N GLN B 51 -8.14 -27.61 3.51
CA GLN B 51 -6.87 -28.23 3.86
C GLN B 51 -6.92 -28.83 5.28
N PHE B 52 -7.68 -28.20 6.17
CA PHE B 52 -7.87 -28.68 7.55
C PHE B 52 -9.05 -29.64 7.64
N ASN B 53 -9.68 -29.87 6.49
CA ASN B 53 -10.87 -30.73 6.34
C ASN B 53 -11.86 -30.40 7.41
N MET B 54 -12.10 -29.11 7.57
CA MET B 54 -12.88 -28.64 8.68
C MET B 54 -14.16 -28.01 8.18
N SER B 55 -15.26 -28.21 8.90
CA SER B 55 -16.47 -27.46 8.58
C SER B 55 -16.26 -25.95 8.82
N ARG B 56 -17.11 -25.16 8.18
CA ARG B 56 -17.08 -23.72 8.28
C ARG B 56 -17.33 -23.31 9.73
N GLY B 57 -18.27 -23.98 10.39
CA GLY B 57 -18.60 -23.69 11.78
C GLY B 57 -17.46 -23.91 12.77
N VAL B 58 -16.73 -25.00 12.60
CA VAL B 58 -15.63 -25.35 13.51
C VAL B 58 -14.45 -24.43 13.31
N PHE B 59 -14.11 -24.17 12.07
CA PHE B 59 -13.06 -23.23 11.76
C PHE B 59 -13.46 -21.86 12.33
N ALA B 60 -14.67 -21.41 12.06
CA ALA B 60 -15.12 -20.14 12.60
C ALA B 60 -14.98 -20.09 14.13
N ARG B 61 -15.42 -21.15 14.81
CA ARG B 61 -15.34 -21.15 16.26
C ARG B 61 -13.92 -21.07 16.71
N LEU B 62 -13.02 -21.75 16.02
CA LEU B 62 -11.64 -21.68 16.46
C LEU B 62 -11.03 -20.29 16.25
N LEU B 63 -11.33 -19.44 15.61
CA LEU B 63 -11.01 -18.10 15.15
C LEU B 63 -11.85 -17.08 15.89
N HIS B 64 -12.82 -17.71 16.64
CA HIS B 64 -13.75 -16.90 17.46
C HIS B 64 -14.63 -15.98 16.67
N THR B 65 -15.12 -16.48 15.54
CA THR B 65 -16.09 -15.76 14.75
C THR B 65 -17.27 -16.72 14.51
N SER B 66 -18.32 -16.25 13.83
CA SER B 66 -19.47 -17.11 13.46
C SER B 66 -19.30 -17.70 12.06
N SER B 67 -19.96 -18.82 11.80
CA SER B 67 -19.98 -19.39 10.45
C SER B 67 -20.51 -18.41 9.42
N ARG B 68 -21.44 -17.57 9.83
CA ARG B 68 -22.05 -16.61 8.92
C ARG B 68 -21.03 -15.57 8.49
N THR B 69 -20.20 -15.15 9.44
CA THR B 69 -19.15 -14.17 9.17
C THR B 69 -18.06 -14.78 8.28
N LEU B 70 -17.64 -15.99 8.63
CA LEU B 70 -16.64 -16.69 7.83
C LEU B 70 -17.16 -16.89 6.42
N GLU B 71 -18.46 -17.15 6.29
CA GLU B 71 -18.99 -17.33 4.94
C GLU B 71 -18.84 -16.05 4.16
N ASN B 72 -19.12 -14.92 4.81
CA ASN B 72 -18.96 -13.63 4.15
C ASN B 72 -17.50 -13.43 3.69
N TRP B 73 -16.55 -13.81 4.53
CA TRP B 73 -15.13 -13.71 4.15
C TRP B 73 -14.79 -14.62 2.96
N GLU B 74 -15.31 -15.83 2.99
CA GLU B 74 -15.06 -16.80 1.94
C GLU B 74 -15.67 -16.44 0.61
N GLN B 75 -16.82 -15.77 0.65
CA GLN B 75 -17.53 -15.39 -0.58
C GLN B 75 -17.08 -14.01 -1.05
N GLY B 76 -16.27 -13.33 -0.26
CA GLY B 76 -15.77 -12.03 -0.66
C GLY B 76 -16.76 -10.90 -0.47
N ARG B 77 -17.81 -11.12 0.33
CA ARG B 77 -18.73 -10.07 0.68
C ARG B 77 -18.11 -9.10 1.68
N SER B 78 -17.25 -9.64 2.53
CA SER B 78 -16.53 -8.90 3.53
C SER B 78 -15.09 -9.34 3.49
N VAL B 79 -14.21 -8.49 4.00
CA VAL B 79 -12.79 -8.80 4.15
C VAL B 79 -12.58 -8.91 5.64
N PRO B 80 -11.76 -9.88 6.08
CA PRO B 80 -11.56 -10.00 7.53
C PRO B 80 -10.88 -8.77 8.12
N ASN B 81 -11.09 -8.52 9.41
CA ASN B 81 -10.35 -7.46 10.10
C ASN B 81 -8.89 -7.84 10.14
N GLY B 82 -8.01 -6.89 10.45
CA GLY B 82 -6.56 -7.14 10.36
C GLY B 82 -6.00 -8.26 11.20
N GLN B 83 -6.45 -8.43 12.43
CA GLN B 83 -5.97 -9.51 13.24
C GLN B 83 -6.49 -10.85 12.72
N ALA B 84 -7.69 -10.85 12.14
CA ALA B 84 -8.24 -12.05 11.55
C ALA B 84 -7.39 -12.49 10.35
N VAL B 85 -7.00 -11.53 9.51
CA VAL B 85 -6.15 -11.83 8.37
C VAL B 85 -4.82 -12.42 8.80
N THR B 86 -4.22 -11.80 9.81
CA THR B 86 -2.97 -12.32 10.37
C THR B 86 -3.11 -13.74 10.86
N LEU B 87 -4.18 -14.03 11.59
CA LEU B 87 -4.42 -15.39 12.05
C LEU B 87 -4.58 -16.35 10.91
N LEU B 88 -5.32 -15.94 9.89
CA LEU B 88 -5.54 -16.79 8.74
C LEU B 88 -4.21 -17.09 8.03
N LYS B 89 -3.37 -16.09 7.79
CA LYS B 89 -2.11 -16.36 7.09
C LYS B 89 -1.15 -17.20 7.90
N LEU B 90 -1.17 -17.03 9.22
CA LEU B 90 -0.42 -17.93 10.10
C LEU B 90 -0.83 -19.38 9.99
N VAL B 91 -2.14 -19.63 10.03
CA VAL B 91 -2.68 -20.98 9.99
C VAL B 91 -2.40 -21.52 8.59
N GLN B 92 -2.45 -20.65 7.61
CA GLN B 92 -2.14 -21.03 6.24
C GLN B 92 -0.72 -21.53 6.07
N ARG B 93 0.24 -20.80 6.60
CA ARG B 93 1.66 -21.16 6.42
C ARG B 93 2.18 -22.11 7.49
N HIS B 94 1.62 -22.00 8.69
CA HIS B 94 2.05 -22.75 9.86
C HIS B 94 0.91 -23.57 10.46
N PRO B 95 0.65 -24.75 9.89
CA PRO B 95 -0.57 -25.50 10.23
C PRO B 95 -0.71 -25.85 11.69
N GLU B 96 0.42 -26.08 12.36
CA GLU B 96 0.43 -26.41 13.76
C GLU B 96 -0.22 -25.30 14.57
N THR B 97 -0.33 -24.12 13.97
CA THR B 97 -0.92 -22.98 14.68
C THR B 97 -2.34 -23.20 15.11
N LEU B 98 -3.09 -23.97 14.32
CA LEU B 98 -4.50 -24.20 14.63
C LEU B 98 -4.62 -24.99 15.92
N SER B 99 -3.71 -25.93 16.09
CA SER B 99 -3.63 -26.71 17.31
C SER B 99 -3.32 -25.83 18.51
N HIS B 100 -2.40 -24.87 18.34
CA HIS B 100 -2.09 -23.95 19.42
C HIS B 100 -3.31 -23.13 19.81
N ILE B 101 -4.03 -22.69 18.79
CA ILE B 101 -5.17 -21.84 18.97
C ILE B 101 -6.25 -22.58 19.72
N ALA B 102 -6.42 -23.85 19.38
CA ALA B 102 -7.49 -24.67 19.95
C ALA B 102 -7.35 -24.82 21.46
N GLU B 103 -6.12 -24.75 21.92
CA GLU B 103 -5.78 -24.99 23.31
C GLU B 103 -5.58 -23.74 24.17
N LEU B 104 -5.88 -22.56 23.63
CA LEU B 104 -5.75 -21.31 24.37
C LEU B 104 -6.85 -21.17 25.41
N GLY C 36 37.20 6.88 10.67
CA GLY C 36 37.56 7.24 9.31
C GLY C 36 36.59 6.77 8.22
N GLU C 37 35.69 5.86 8.54
CA GLU C 37 34.81 5.26 7.52
C GLU C 37 33.50 4.70 8.08
N LEU C 38 32.39 5.15 7.49
CA LEU C 38 31.05 4.66 7.81
C LEU C 38 30.78 3.29 7.20
N ASN C 39 30.95 2.24 7.99
CA ASN C 39 30.73 0.87 7.49
C ASN C 39 30.38 -0.08 8.62
N ILE C 40 29.78 -1.21 8.27
CA ILE C 40 29.42 -2.19 9.27
C ILE C 40 29.58 -3.59 8.70
N SER C 41 30.23 -4.47 9.44
CA SER C 41 30.51 -5.81 8.93
C SER C 41 29.30 -6.71 9.18
N PRO C 42 29.19 -7.78 8.41
CA PRO C 42 28.10 -8.76 8.57
C PRO C 42 27.94 -9.25 10.00
N ASP C 43 29.09 -9.54 10.61
CA ASP C 43 29.08 -9.99 12.00
C ASP C 43 28.55 -8.91 12.92
N GLU C 44 28.89 -7.64 12.65
CA GLU C 44 28.39 -6.54 13.49
C GLU C 44 26.90 -6.36 13.32
N ILE C 45 26.44 -6.56 12.10
CA ILE C 45 25.02 -6.45 11.79
C ILE C 45 24.29 -7.52 12.59
N VAL C 46 24.81 -8.74 12.56
CA VAL C 46 24.22 -9.82 13.38
C VAL C 46 24.21 -9.48 14.87
N SER C 47 25.30 -8.91 15.37
CA SER C 47 25.38 -8.52 16.78
C SER C 47 24.34 -7.47 17.17
N ILE C 48 24.01 -6.53 16.28
CA ILE C 48 23.03 -5.50 16.64
C ILE C 48 21.74 -6.22 16.99
N ARG C 49 21.40 -7.14 16.12
CA ARG C 49 20.19 -7.90 16.25
C ARG C 49 20.14 -8.69 17.57
N GLU C 50 21.28 -9.25 17.92
CA GLU C 50 21.41 -10.00 19.18
C GLU C 50 21.23 -9.16 20.46
N GLN C 51 21.53 -7.87 20.41
CA GLN C 51 21.33 -6.96 21.53
C GLN C 51 19.89 -7.02 21.99
N PHE C 52 19.04 -7.20 21.00
CA PHE C 52 17.62 -7.12 21.18
C PHE C 52 17.01 -8.50 21.37
N ASN C 53 17.86 -9.53 21.27
CA ASN C 53 17.42 -10.92 21.37
C ASN C 53 16.30 -11.24 20.39
N MET C 54 16.49 -10.75 19.16
CA MET C 54 15.48 -10.79 18.10
C MET C 54 15.90 -11.68 16.93
N SER C 55 14.92 -12.33 16.31
CA SER C 55 15.16 -13.07 15.10
C SER C 55 15.41 -12.10 13.94
N ARG C 56 16.01 -12.59 12.88
CA ARG C 56 16.18 -11.81 11.69
C ARG C 56 14.87 -11.22 11.18
N GLY C 57 13.81 -12.01 11.09
CA GLY C 57 12.58 -11.49 10.56
C GLY C 57 12.01 -10.41 11.45
N VAL C 58 12.12 -10.57 12.76
CA VAL C 58 11.53 -9.56 13.65
C VAL C 58 12.27 -8.24 13.52
N PHE C 59 13.58 -8.32 13.58
CA PHE C 59 14.42 -7.15 13.48
C PHE C 59 14.23 -6.47 12.12
N ALA C 60 14.24 -7.24 11.03
CA ALA C 60 14.03 -6.64 9.70
C ALA C 60 12.72 -5.86 9.57
N ARG C 61 11.64 -6.48 10.03
CA ARG C 61 10.35 -5.81 10.04
C ARG C 61 10.40 -4.52 10.83
N LEU C 62 11.15 -4.51 11.92
CA LEU C 62 11.18 -3.30 12.73
C LEU C 62 11.99 -2.19 12.03
N LEU C 63 12.87 -2.62 11.15
CA LEU C 63 13.67 -1.71 10.32
C LEU C 63 13.06 -1.43 8.94
N HIS C 64 11.83 -1.90 8.75
CA HIS C 64 11.11 -1.73 7.50
C HIS C 64 11.91 -2.25 6.33
N THR C 65 12.60 -3.34 6.58
CA THR C 65 13.44 -3.98 5.62
C THR C 65 12.99 -5.44 5.45
N SER C 66 13.30 -6.06 4.30
CA SER C 66 12.83 -7.43 4.12
C SER C 66 13.81 -8.34 4.83
N SER C 67 13.28 -9.48 5.26
CA SER C 67 14.09 -10.47 5.91
C SER C 67 15.22 -10.97 5.02
N ARG C 68 14.93 -11.12 3.74
CA ARG C 68 15.94 -11.68 2.85
C ARG C 68 17.05 -10.67 2.64
N THR C 69 16.68 -9.40 2.63
CA THR C 69 17.64 -8.33 2.49
C THR C 69 18.49 -8.35 3.74
N LEU C 70 17.88 -8.44 4.93
CA LEU C 70 18.72 -8.49 6.14
C LEU C 70 19.65 -9.73 6.14
N GLU C 71 19.13 -10.88 5.69
CA GLU C 71 19.92 -12.11 5.54
C GLU C 71 21.11 -11.87 4.61
N ASN C 72 20.87 -11.18 3.49
CA ASN C 72 21.93 -10.83 2.55
C ASN C 72 23.02 -10.02 3.23
N TRP C 73 22.63 -9.04 4.05
CA TRP C 73 23.60 -8.19 4.76
C TRP C 73 24.36 -9.00 5.79
N GLU C 74 23.65 -9.86 6.49
CA GLU C 74 24.24 -10.69 7.51
C GLU C 74 25.24 -11.69 6.92
N GLN C 75 25.02 -12.08 5.66
CA GLN C 75 25.87 -13.08 5.00
C GLN C 75 26.94 -12.42 4.14
N GLY C 76 26.84 -11.11 4.04
CA GLY C 76 27.78 -10.32 3.28
C GLY C 76 27.56 -10.40 1.78
N ARG C 77 26.39 -10.86 1.36
CA ARG C 77 26.11 -10.97 -0.07
C ARG C 77 25.82 -9.61 -0.68
N SER C 78 25.39 -8.67 0.15
CA SER C 78 25.22 -7.30 -0.29
C SER C 78 25.66 -6.41 0.86
N VAL C 79 26.01 -5.16 0.56
CA VAL C 79 26.46 -4.25 1.60
C VAL C 79 25.30 -3.32 1.77
N PRO C 80 24.94 -3.03 3.00
CA PRO C 80 23.82 -2.08 3.07
C PRO C 80 24.14 -0.68 2.50
N ASN C 81 23.13 0.00 1.92
CA ASN C 81 23.39 1.36 1.44
C ASN C 81 23.71 2.27 2.61
N GLY C 82 24.16 3.45 2.27
CA GLY C 82 24.68 4.37 3.24
C GLY C 82 23.63 4.72 4.27
N GLN C 83 22.37 4.82 3.84
CA GLN C 83 21.33 5.16 4.81
C GLN C 83 21.00 3.98 5.72
N ALA C 84 21.08 2.78 5.18
CA ALA C 84 20.84 1.56 5.97
C ALA C 84 21.93 1.38 7.02
N VAL C 85 23.20 1.64 6.66
CA VAL C 85 24.32 1.59 7.63
C VAL C 85 24.08 2.55 8.78
N THR C 86 23.68 3.76 8.43
CA THR C 86 23.42 4.78 9.42
C THR C 86 22.32 4.33 10.38
N LEU C 87 21.27 3.78 9.80
CA LEU C 87 20.17 3.29 10.59
C LEU C 87 20.59 2.18 11.54
N LEU C 88 21.38 1.24 11.04
CA LEU C 88 21.81 0.14 11.85
C LEU C 88 22.65 0.66 12.98
N LYS C 89 23.57 1.58 12.65
CA LYS C 89 24.47 2.12 13.66
C LYS C 89 23.68 2.93 14.66
N LEU C 90 22.67 3.63 14.17
CA LEU C 90 21.79 4.38 15.05
C LEU C 90 21.01 3.48 16.06
N VAL C 91 20.42 2.40 15.56
CA VAL C 91 19.61 1.47 16.37
C VAL C 91 20.50 0.79 17.41
N GLN C 92 21.71 0.48 16.97
N GLN C 92 21.68 0.42 16.96
CA GLN C 92 22.73 -0.14 17.80
CA GLN C 92 22.69 -0.15 17.83
C GLN C 92 23.06 0.68 19.05
C GLN C 92 22.97 0.71 19.08
N ARG C 93 23.29 1.98 18.88
CA ARG C 93 23.66 2.86 19.98
C ARG C 93 22.46 3.51 20.66
N HIS C 94 21.36 3.63 19.93
CA HIS C 94 20.17 4.31 20.47
C HIS C 94 18.94 3.42 20.31
N PRO C 95 18.79 2.43 21.20
CA PRO C 95 17.78 1.40 20.96
C PRO C 95 16.34 1.92 20.85
N GLU C 96 16.07 3.05 21.49
CA GLU C 96 14.76 3.66 21.41
C GLU C 96 14.40 4.01 19.97
N THR C 97 15.42 3.98 19.10
CA THR C 97 15.19 4.30 17.71
C THR C 97 14.20 3.28 17.12
N LEU C 98 14.20 2.07 17.63
CA LEU C 98 13.25 1.06 17.13
C LEU C 98 11.83 1.46 17.40
N SER C 99 11.58 1.96 18.61
CA SER C 99 10.27 2.46 18.93
C SER C 99 9.94 3.67 18.09
N HIS C 100 10.91 4.58 17.86
CA HIS C 100 10.60 5.75 17.06
C HIS C 100 10.14 5.33 15.71
N ILE C 101 10.84 4.37 15.14
CA ILE C 101 10.49 3.92 13.81
C ILE C 101 9.09 3.28 13.78
N ALA C 102 8.82 2.52 14.81
CA ALA C 102 7.57 1.79 14.90
C ALA C 102 6.39 2.73 14.97
N GLU C 103 6.66 3.92 15.47
CA GLU C 103 5.62 4.93 15.69
C GLU C 103 5.49 5.86 14.48
N LEU C 104 6.24 5.58 13.43
CA LEU C 104 6.16 6.41 12.22
C LEU C 104 4.89 6.06 11.45
N GLU D 37 6.44 0.97 2.27
CA GLU D 37 5.36 1.30 3.18
C GLU D 37 5.42 2.78 3.57
N LEU D 38 6.53 3.20 4.17
CA LEU D 38 6.72 4.59 4.55
C LEU D 38 6.98 5.45 3.33
N ASN D 39 6.49 6.67 3.38
CA ASN D 39 6.69 7.60 2.29
C ASN D 39 6.96 8.99 2.86
N ILE D 40 7.71 9.80 2.13
CA ILE D 40 7.94 11.18 2.55
C ILE D 40 7.95 12.00 1.27
N SER D 41 7.19 13.09 1.26
CA SER D 41 7.03 13.82 0.01
C SER D 41 8.24 14.69 -0.22
N PRO D 42 8.46 15.03 -1.50
CA PRO D 42 9.58 15.91 -1.82
C PRO D 42 9.53 17.22 -1.03
N ASP D 43 8.38 17.84 -0.92
CA ASP D 43 8.29 19.07 -0.15
C ASP D 43 8.66 18.85 1.32
N GLU D 44 8.26 17.70 1.88
CA GLU D 44 8.57 17.41 3.27
C GLU D 44 10.09 17.27 3.44
N ILE D 45 10.75 16.69 2.45
CA ILE D 45 12.21 16.54 2.55
C ILE D 45 12.89 17.92 2.61
N VAL D 46 12.49 18.81 1.71
CA VAL D 46 12.99 20.17 1.73
C VAL D 46 12.73 20.85 3.06
N SER D 47 11.51 20.73 3.55
CA SER D 47 11.14 21.34 4.82
C SER D 47 12.02 20.88 6.00
N ILE D 48 12.50 19.64 5.99
CA ILE D 48 13.35 19.18 7.09
C ILE D 48 14.56 20.07 7.22
N ARG D 49 15.29 20.26 6.12
CA ARG D 49 16.50 21.11 6.18
C ARG D 49 16.13 22.59 6.37
N GLU D 50 15.09 23.09 5.71
CA GLU D 50 14.74 24.50 5.88
C GLU D 50 14.36 24.81 7.33
N GLN D 51 13.71 23.86 8.00
CA GLN D 51 13.38 24.01 9.43
C GLN D 51 14.61 24.09 10.30
N PHE D 52 15.65 23.36 9.94
CA PHE D 52 16.87 23.41 10.73
C PHE D 52 17.77 24.56 10.36
N ASN D 53 17.43 25.24 9.27
CA ASN D 53 18.30 26.25 8.69
C ASN D 53 19.65 25.58 8.39
N MET D 54 19.55 24.41 7.76
CA MET D 54 20.68 23.56 7.40
C MET D 54 20.93 23.56 5.90
N SER D 55 22.17 23.56 5.45
CA SER D 55 22.39 23.49 4.01
C SER D 55 22.13 22.08 3.47
N ARG D 56 21.80 22.01 2.19
CA ARG D 56 21.56 20.75 1.51
C ARG D 56 22.82 19.90 1.61
N GLY D 57 23.98 20.56 1.49
CA GLY D 57 25.25 19.84 1.52
C GLY D 57 25.56 19.17 2.85
N VAL D 58 25.33 19.88 3.95
CA VAL D 58 25.60 19.35 5.28
C VAL D 58 24.60 18.24 5.54
N PHE D 59 23.34 18.46 5.18
CA PHE D 59 22.31 17.44 5.42
C PHE D 59 22.62 16.16 4.66
N ALA D 60 22.95 16.34 3.40
CA ALA D 60 23.29 15.19 2.59
C ALA D 60 24.43 14.39 3.16
N ARG D 61 25.51 15.05 3.57
CA ARG D 61 26.68 14.34 4.12
C ARG D 61 26.31 13.59 5.42
N LEU D 62 25.42 14.16 6.24
CA LEU D 62 24.99 13.47 7.41
C LEU D 62 24.11 12.26 7.07
N LEU D 63 23.42 12.28 5.92
CA LEU D 63 22.58 11.15 5.46
C LEU D 63 23.44 10.18 4.65
N HIS D 64 24.74 10.49 4.58
CA HIS D 64 25.69 9.73 3.75
C HIS D 64 25.25 9.61 2.30
N THR D 65 24.77 10.70 1.73
CA THR D 65 24.46 10.72 0.31
C THR D 65 25.14 11.96 -0.25
N SER D 66 25.00 12.20 -1.55
CA SER D 66 25.53 13.39 -2.19
C SER D 66 24.47 14.48 -2.24
N SER D 67 24.92 15.72 -2.36
CA SER D 67 24.03 16.85 -2.54
C SER D 67 23.13 16.66 -3.76
N ARG D 68 23.68 16.07 -4.83
CA ARG D 68 22.93 15.93 -6.06
C ARG D 68 21.78 14.93 -5.93
N THR D 69 22.04 13.83 -5.21
CA THR D 69 21.04 12.79 -4.99
C THR D 69 19.96 13.40 -4.10
N LEU D 70 20.38 14.11 -3.07
CA LEU D 70 19.39 14.75 -2.21
C LEU D 70 18.54 15.73 -2.98
N GLU D 71 19.15 16.48 -3.91
CA GLU D 71 18.35 17.44 -4.68
C GLU D 71 17.35 16.67 -5.52
N ASN D 72 17.74 15.53 -6.09
CA ASN D 72 16.76 14.72 -6.84
C ASN D 72 15.57 14.31 -5.99
N TRP D 73 15.84 13.95 -4.74
CA TRP D 73 14.79 13.54 -3.81
C TRP D 73 13.92 14.74 -3.48
N GLU D 74 14.57 15.90 -3.25
CA GLU D 74 13.85 17.14 -2.98
C GLU D 74 13.02 17.61 -4.17
N GLN D 75 13.46 17.32 -5.40
CA GLN D 75 12.71 17.76 -6.59
C GLN D 75 11.72 16.72 -7.07
N GLY D 76 11.75 15.55 -6.47
CA GLY D 76 10.83 14.50 -6.83
C GLY D 76 11.22 13.78 -8.12
N ARG D 77 12.46 13.91 -8.53
CA ARG D 77 12.94 13.20 -9.71
C ARG D 77 13.12 11.74 -9.32
N SER D 78 13.41 11.53 -8.04
CA SER D 78 13.61 10.22 -7.49
C SER D 78 12.99 10.18 -6.15
N VAL D 79 12.73 8.98 -5.69
CA VAL D 79 12.26 8.82 -4.33
C VAL D 79 13.40 8.15 -3.57
N PRO D 80 13.56 8.51 -2.30
CA PRO D 80 14.65 7.83 -1.60
C PRO D 80 14.41 6.35 -1.45
N ASN D 81 15.49 5.61 -1.32
CA ASN D 81 15.37 4.19 -0.99
C ASN D 81 14.72 4.05 0.33
N GLY D 82 14.18 2.86 0.62
CA GLY D 82 13.44 2.65 1.85
C GLY D 82 14.13 2.98 3.14
N GLN D 83 15.41 2.68 3.29
CA GLN D 83 16.07 3.06 4.53
C GLN D 83 16.30 4.58 4.64
N ALA D 84 16.50 5.25 3.51
CA ALA D 84 16.65 6.70 3.52
C ALA D 84 15.33 7.35 3.97
N VAL D 85 14.24 6.79 3.48
CA VAL D 85 12.93 7.31 3.88
C VAL D 85 12.77 7.20 5.40
N THR D 86 13.12 6.04 5.94
CA THR D 86 13.02 5.79 7.40
C THR D 86 13.87 6.80 8.16
N LEU D 87 15.10 6.96 7.73
CA LEU D 87 15.97 7.98 8.31
C LEU D 87 15.45 9.42 8.20
N LEU D 88 14.97 9.81 7.03
CA LEU D 88 14.38 11.10 6.86
C LEU D 88 13.18 11.30 7.76
N LYS D 89 12.33 10.29 7.84
CA LYS D 89 11.16 10.42 8.71
C LYS D 89 11.54 10.50 10.19
N LEU D 90 12.57 9.79 10.60
CA LEU D 90 13.06 9.89 11.98
C LEU D 90 13.56 11.30 12.31
N VAL D 91 14.32 11.88 11.40
CA VAL D 91 14.87 13.23 11.60
C VAL D 91 13.72 14.25 11.61
N GLN D 92 12.71 14.01 10.79
CA GLN D 92 11.54 14.86 10.74
C GLN D 92 10.84 14.90 12.07
N ARG D 93 10.66 13.74 12.70
CA ARG D 93 9.89 13.65 13.92
C ARG D 93 10.75 13.83 15.16
N HIS D 94 12.01 13.36 15.07
CA HIS D 94 12.93 13.34 16.19
C HIS D 94 14.23 14.08 15.86
N PRO D 95 14.24 15.39 16.11
CA PRO D 95 15.32 16.24 15.58
C PRO D 95 16.70 15.83 16.03
N GLU D 96 16.79 15.31 17.25
CA GLU D 96 18.05 14.91 17.86
C GLU D 96 18.72 13.77 17.09
N THR D 97 17.98 13.15 16.19
CA THR D 97 18.53 12.04 15.43
C THR D 97 19.77 12.48 14.64
N LEU D 98 19.76 13.72 14.19
CA LEU D 98 20.90 14.28 13.44
C LEU D 98 22.16 14.41 14.29
N SER D 99 21.97 14.74 15.56
CA SER D 99 23.08 14.78 16.50
C SER D 99 23.63 13.39 16.74
N HIS D 100 22.76 12.39 16.86
CA HIS D 100 23.20 11.01 17.03
C HIS D 100 24.02 10.57 15.84
N ILE D 101 23.53 10.92 14.66
CA ILE D 101 24.13 10.45 13.43
C ILE D 101 25.54 11.00 13.33
N ALA D 102 25.71 12.26 13.70
CA ALA D 102 26.99 12.95 13.53
C ALA D 102 28.09 12.26 14.28
N GLU D 103 27.75 11.59 15.38
CA GLU D 103 28.76 11.00 16.25
C GLU D 103 28.98 9.50 16.05
N LEU D 104 28.32 8.92 15.04
CA LEU D 104 28.47 7.49 14.73
C LEU D 104 29.81 7.16 14.08
N ASN E 39 9.88 20.61 -22.60
CA ASN E 39 9.26 21.57 -21.69
C ASN E 39 7.73 21.60 -21.90
N ILE E 40 6.98 21.91 -20.85
CA ILE E 40 5.53 22.00 -20.97
C ILE E 40 4.88 22.93 -19.94
N SER E 41 3.93 23.74 -20.38
CA SER E 41 3.21 24.69 -19.54
C SER E 41 1.92 24.10 -18.93
N PRO E 42 1.44 24.71 -17.83
CA PRO E 42 0.17 24.31 -17.21
C PRO E 42 -0.97 24.29 -18.23
N ASP E 43 -1.01 25.28 -19.11
CA ASP E 43 -2.05 25.35 -20.14
C ASP E 43 -1.99 24.15 -21.09
N GLU E 44 -0.78 23.73 -21.44
CA GLU E 44 -0.59 22.60 -22.34
C GLU E 44 -1.01 21.28 -21.70
N ILE E 45 -0.75 21.14 -20.40
CA ILE E 45 -1.18 19.97 -19.66
C ILE E 45 -2.69 19.87 -19.67
N VAL E 46 -3.36 20.97 -19.39
CA VAL E 46 -4.81 20.97 -19.50
C VAL E 46 -5.22 20.56 -20.91
N SER E 47 -4.53 21.11 -21.92
CA SER E 47 -4.86 20.86 -23.32
C SER E 47 -4.79 19.38 -23.64
N ILE E 48 -3.77 18.73 -23.12
CA ILE E 48 -3.60 17.30 -23.34
C ILE E 48 -4.73 16.49 -22.73
N ARG E 49 -5.07 16.79 -21.50
CA ARG E 49 -6.19 16.11 -20.89
C ARG E 49 -7.48 16.34 -21.69
N GLU E 50 -7.69 17.58 -22.09
CA GLU E 50 -8.90 17.97 -22.82
C GLU E 50 -8.98 17.34 -24.19
N GLN E 51 -7.83 16.97 -24.75
CA GLN E 51 -7.83 16.28 -26.04
C GLN E 51 -8.73 15.05 -25.99
N PHE E 52 -8.79 14.46 -24.80
CA PHE E 52 -9.51 13.21 -24.57
C PHE E 52 -10.95 13.40 -24.08
N ASN E 53 -11.35 14.65 -23.89
N ASN E 53 -11.35 14.66 -23.92
CA ASN E 53 -12.68 14.95 -23.36
CA ASN E 53 -12.65 15.00 -23.30
C ASN E 53 -12.89 14.20 -22.03
C ASN E 53 -12.86 14.18 -22.05
N MET E 54 -11.82 14.17 -21.21
CA MET E 54 -11.81 13.46 -19.93
C MET E 54 -11.75 14.42 -18.76
N SER E 55 -12.40 14.05 -17.66
CA SER E 55 -12.29 14.80 -16.43
C SER E 55 -10.89 14.61 -15.86
N ARG E 56 -10.52 15.50 -14.98
CA ARG E 56 -9.22 15.45 -14.33
C ARG E 56 -9.07 14.14 -13.56
N GLY E 57 -10.11 13.74 -12.86
CA GLY E 57 -10.04 12.53 -12.08
C GLY E 57 -9.86 11.32 -12.94
N VAL E 58 -10.58 11.26 -14.06
CA VAL E 58 -10.50 10.09 -14.92
C VAL E 58 -9.11 10.01 -15.55
N PHE E 59 -8.62 11.15 -16.05
CA PHE E 59 -7.29 11.18 -16.73
C PHE E 59 -6.14 10.81 -15.77
N ALA E 60 -6.13 11.45 -14.62
CA ALA E 60 -5.13 11.16 -13.62
C ALA E 60 -5.15 9.67 -13.24
N ARG E 61 -6.32 9.14 -13.10
CA ARG E 61 -6.45 7.77 -12.71
C ARG E 61 -5.86 6.85 -13.75
N LEU E 62 -6.12 7.14 -15.00
CA LEU E 62 -5.56 6.31 -16.08
C LEU E 62 -4.05 6.45 -16.17
N LEU E 63 -3.52 7.58 -15.70
CA LEU E 63 -2.08 7.81 -15.63
C LEU E 63 -1.45 7.39 -14.31
N HIS E 64 -2.21 6.68 -13.49
CA HIS E 64 -1.72 6.21 -12.20
C HIS E 64 -1.21 7.37 -11.34
N THR E 65 -1.82 8.55 -11.51
CA THR E 65 -1.32 9.76 -10.86
C THR E 65 -2.46 10.24 -10.00
N SER E 66 -2.18 10.96 -8.93
CA SER E 66 -3.25 11.41 -8.09
C SER E 66 -3.92 12.59 -8.75
N SER E 67 -5.21 12.75 -8.44
CA SER E 67 -5.97 13.86 -8.96
C SER E 67 -5.39 15.16 -8.42
N ARG E 68 -5.00 15.16 -7.15
CA ARG E 68 -4.44 16.37 -6.54
C ARG E 68 -3.12 16.73 -7.23
N THR E 69 -2.31 15.73 -7.60
CA THR E 69 -1.04 16.04 -8.30
C THR E 69 -1.27 16.65 -9.66
N LEU E 70 -2.15 16.05 -10.43
CA LEU E 70 -2.47 16.58 -11.72
C LEU E 70 -3.05 18.00 -11.64
N GLU E 71 -3.83 18.23 -10.60
CA GLU E 71 -4.43 19.54 -10.36
C GLU E 71 -3.34 20.58 -10.13
N ASN E 72 -2.32 20.22 -9.33
CA ASN E 72 -1.19 21.09 -9.08
C ASN E 72 -0.46 21.40 -10.36
N TRP E 73 -0.26 20.40 -11.22
CA TRP E 73 0.42 20.65 -12.49
C TRP E 73 -0.41 21.58 -13.40
N GLU E 74 -1.71 21.33 -13.53
CA GLU E 74 -2.55 22.13 -14.40
C GLU E 74 -2.67 23.60 -13.92
N GLN E 75 -2.54 23.82 -12.62
CA GLN E 75 -2.64 25.16 -12.03
C GLN E 75 -1.27 25.77 -11.79
N GLY E 76 -0.22 25.03 -12.15
CA GLY E 76 1.13 25.53 -12.06
C GLY E 76 1.63 25.62 -10.64
N ARG E 77 0.94 24.96 -9.73
CA ARG E 77 1.38 24.94 -8.34
C ARG E 77 2.61 24.06 -8.20
N SER E 78 2.78 23.10 -9.11
CA SER E 78 3.97 22.25 -9.13
C SER E 78 4.36 21.97 -10.57
N VAL E 79 5.62 21.58 -10.77
CA VAL E 79 6.14 21.36 -12.12
C VAL E 79 6.30 19.87 -12.28
N PRO E 80 5.72 19.29 -13.35
CA PRO E 80 5.88 17.84 -13.52
C PRO E 80 7.33 17.45 -13.76
N ASN E 81 7.76 16.31 -13.23
CA ASN E 81 9.10 15.82 -13.46
C ASN E 81 9.23 15.40 -14.90
N GLY E 82 10.45 15.18 -15.35
CA GLY E 82 10.72 14.88 -16.74
C GLY E 82 10.01 13.67 -17.32
N GLN E 83 9.86 12.61 -16.53
CA GLN E 83 9.17 11.41 -17.00
C GLN E 83 7.65 11.67 -17.04
N ALA E 84 7.15 12.49 -16.12
CA ALA E 84 5.73 12.85 -16.19
C ALA E 84 5.48 13.67 -17.47
N VAL E 85 6.40 14.60 -17.79
CA VAL E 85 6.29 15.35 -19.03
C VAL E 85 6.34 14.42 -20.22
N THR E 86 7.28 13.50 -20.22
CA THR E 86 7.34 12.54 -21.29
C THR E 86 6.05 11.71 -21.37
N LEU E 87 5.54 11.27 -20.23
CA LEU E 87 4.32 10.49 -20.28
C LEU E 87 3.16 11.32 -20.87
N LEU E 88 3.05 12.57 -20.49
CA LEU E 88 1.97 13.41 -21.01
C LEU E 88 2.08 13.64 -22.51
N LYS E 89 3.32 13.91 -22.96
CA LYS E 89 3.55 14.14 -24.38
C LYS E 89 3.31 12.86 -25.17
N LEU E 90 3.59 11.72 -24.56
CA LEU E 90 3.33 10.42 -25.17
C LEU E 90 1.84 10.21 -25.40
N VAL E 91 1.04 10.47 -24.37
CA VAL E 91 -0.39 10.28 -24.48
C VAL E 91 -0.98 11.26 -25.51
N GLN E 92 -0.41 12.48 -25.55
CA GLN E 92 -0.83 13.55 -26.46
C GLN E 92 -0.72 13.10 -27.89
N ARG E 93 0.41 12.51 -28.22
CA ARG E 93 0.66 12.08 -29.60
C ARG E 93 0.14 10.67 -29.93
N HIS E 94 0.15 9.79 -28.94
CA HIS E 94 -0.26 8.39 -29.14
C HIS E 94 -1.33 8.05 -28.14
N PRO E 95 -2.57 8.45 -28.44
CA PRO E 95 -3.66 8.33 -27.47
C PRO E 95 -3.83 6.88 -27.04
N GLU E 96 -3.47 5.93 -27.89
CA GLU E 96 -3.60 4.52 -27.51
C GLU E 96 -2.75 4.20 -26.29
N THR E 97 -1.71 4.99 -26.05
CA THR E 97 -0.85 4.73 -24.90
C THR E 97 -1.63 4.93 -23.63
N LEU E 98 -2.67 5.76 -23.66
CA LEU E 98 -3.39 5.95 -22.43
C LEU E 98 -4.02 4.63 -21.97
N SER E 99 -4.58 3.87 -22.91
CA SER E 99 -5.14 2.55 -22.62
C SER E 99 -4.06 1.51 -22.29
N HIS E 100 -2.94 1.50 -23.02
CA HIS E 100 -1.84 0.62 -22.62
C HIS E 100 -1.42 0.82 -21.16
N ILE E 101 -1.34 2.07 -20.77
CA ILE E 101 -0.85 2.45 -19.47
C ILE E 101 -1.87 1.98 -18.48
N ALA E 102 -3.14 2.20 -18.82
CA ALA E 102 -4.22 1.81 -17.94
C ALA E 102 -4.17 0.29 -17.73
N GLU E 103 -3.54 -0.42 -18.66
CA GLU E 103 -3.52 -1.89 -18.68
C GLU E 103 -2.26 -2.62 -18.18
N LEU E 104 -1.29 -1.89 -17.62
CA LEU E 104 -0.05 -2.53 -17.15
C LEU E 104 -0.27 -3.42 -15.92
N GLU F 37 0.94 1.27 -6.82
CA GLU F 37 0.56 -0.06 -7.27
C GLU F 37 1.63 -0.62 -8.22
N LEU F 38 2.04 0.17 -9.21
CA LEU F 38 3.14 -0.26 -10.07
C LEU F 38 4.46 -0.18 -9.30
N ASN F 39 5.30 -1.20 -9.47
CA ASN F 39 6.59 -1.27 -8.79
C ASN F 39 7.64 -1.86 -9.72
N ILE F 40 8.90 -1.47 -9.54
CA ILE F 40 9.96 -1.99 -10.38
C ILE F 40 11.25 -2.09 -9.59
N SER F 41 11.96 -3.20 -9.73
CA SER F 41 13.19 -3.44 -8.99
C SER F 41 14.39 -2.91 -9.78
N PRO F 42 15.51 -2.63 -9.09
CA PRO F 42 16.72 -2.16 -9.77
C PRO F 42 17.12 -3.09 -10.89
N ASP F 43 17.08 -4.38 -10.61
CA ASP F 43 17.46 -5.39 -11.59
C ASP F 43 16.54 -5.42 -12.79
N GLU F 44 15.26 -5.14 -12.58
CA GLU F 44 14.29 -5.11 -13.69
C GLU F 44 14.61 -3.88 -14.59
N ILE F 45 15.01 -2.77 -13.98
CA ILE F 45 15.37 -1.58 -14.74
C ILE F 45 16.56 -1.88 -15.66
N VAL F 46 17.55 -2.53 -15.09
CA VAL F 46 18.68 -2.97 -15.89
C VAL F 46 18.22 -3.86 -17.04
N SER F 47 17.33 -4.81 -16.78
CA SER F 47 16.93 -5.75 -17.82
C SER F 47 16.16 -5.04 -18.92
N ILE F 48 15.38 -4.04 -18.55
CA ILE F 48 14.62 -3.33 -19.56
C ILE F 48 15.56 -2.67 -20.52
N ARG F 49 16.58 -2.02 -19.99
CA ARG F 49 17.55 -1.36 -20.83
C ARG F 49 18.27 -2.36 -21.73
N GLU F 50 18.67 -3.49 -21.16
CA GLU F 50 19.38 -4.52 -21.92
C GLU F 50 18.51 -5.21 -23.01
N GLN F 51 17.20 -5.23 -22.84
CA GLN F 51 16.27 -5.72 -23.86
C GLN F 51 16.49 -5.02 -25.19
N PHE F 52 16.83 -3.74 -25.10
CA PHE F 52 16.99 -2.86 -26.27
C PHE F 52 18.42 -2.75 -26.77
N ASN F 53 19.34 -3.45 -26.10
CA ASN F 53 20.79 -3.30 -26.32
C ASN F 53 21.36 -1.91 -26.07
N MET F 54 20.82 -1.17 -25.13
CA MET F 54 21.22 0.22 -25.00
C MET F 54 22.20 0.49 -23.90
N SER F 55 23.08 1.47 -24.16
CA SER F 55 23.98 1.92 -23.14
C SER F 55 23.15 2.65 -22.09
N ARG F 56 23.68 2.77 -20.90
CA ARG F 56 23.00 3.54 -19.84
C ARG F 56 22.72 5.01 -20.27
N GLY F 57 23.68 5.65 -20.93
CA GLY F 57 23.53 7.06 -21.27
C GLY F 57 22.43 7.36 -22.28
N VAL F 58 22.35 6.52 -23.30
CA VAL F 58 21.32 6.69 -24.31
C VAL F 58 19.97 6.44 -23.69
N PHE F 59 19.87 5.36 -22.90
CA PHE F 59 18.62 4.98 -22.30
C PHE F 59 18.14 6.07 -21.37
N ALA F 60 19.05 6.61 -20.57
CA ALA F 60 18.76 7.69 -19.67
C ALA F 60 18.24 8.87 -20.44
N ARG F 61 18.91 9.22 -21.55
CA ARG F 61 18.52 10.43 -22.29
C ARG F 61 17.08 10.24 -22.83
N LEU F 62 16.75 9.06 -23.29
CA LEU F 62 15.41 8.83 -23.82
C LEU F 62 14.33 8.89 -22.76
N LEU F 63 14.68 8.60 -21.51
CA LEU F 63 13.76 8.79 -20.39
C LEU F 63 13.82 10.21 -19.80
N HIS F 64 14.56 11.11 -20.46
CA HIS F 64 14.75 12.49 -19.97
C HIS F 64 15.34 12.55 -18.56
N THR F 65 16.27 11.66 -18.29
CA THR F 65 16.99 11.70 -17.03
C THR F 65 18.49 11.60 -17.38
N SER F 66 19.33 11.68 -16.36
CA SER F 66 20.76 11.50 -16.55
C SER F 66 21.27 10.09 -16.28
N SER F 67 22.44 9.79 -16.83
CA SER F 67 23.12 8.54 -16.51
C SER F 67 23.29 8.34 -14.98
N ARG F 68 23.58 9.42 -14.26
CA ARG F 68 23.87 9.33 -12.84
C ARG F 68 22.61 8.93 -12.09
N THR F 69 21.50 9.55 -12.46
CA THR F 69 20.25 9.24 -11.80
C THR F 69 19.83 7.84 -12.17
N LEU F 70 19.96 7.49 -13.43
CA LEU F 70 19.62 6.13 -13.82
C LEU F 70 20.48 5.11 -13.07
N GLU F 71 21.73 5.47 -12.79
CA GLU F 71 22.65 4.58 -12.08
C GLU F 71 22.18 4.38 -10.64
N ASN F 72 21.73 5.47 -10.05
CA ASN F 72 21.15 5.42 -8.72
C ASN F 72 19.91 4.46 -8.69
N TRP F 73 19.04 4.54 -9.70
CA TRP F 73 17.90 3.63 -9.80
C TRP F 73 18.34 2.19 -10.02
N GLU F 74 19.31 1.99 -10.90
CA GLU F 74 19.79 0.65 -11.15
C GLU F 74 20.48 0.01 -9.96
N GLN F 75 21.11 0.82 -9.11
CA GLN F 75 21.85 0.32 -7.94
C GLN F 75 20.99 0.33 -6.69
N GLY F 76 19.77 0.85 -6.81
CA GLY F 76 18.81 0.90 -5.71
C GLY F 76 19.08 1.98 -4.67
N ARG F 77 19.90 2.98 -4.99
CA ARG F 77 20.16 4.04 -4.02
C ARG F 77 18.95 4.95 -3.98
N SER F 78 18.24 4.99 -5.09
CA SER F 78 17.03 5.79 -5.22
C SER F 78 16.01 4.94 -5.98
N VAL F 79 14.74 5.27 -5.89
CA VAL F 79 13.69 4.56 -6.66
C VAL F 79 13.14 5.55 -7.72
N PRO F 80 12.81 5.08 -8.94
CA PRO F 80 12.30 6.08 -9.89
C PRO F 80 11.00 6.69 -9.35
N ASN F 81 10.73 7.94 -9.67
CA ASN F 81 9.42 8.52 -9.34
C ASN F 81 8.28 7.72 -10.04
N GLY F 82 7.02 7.94 -9.65
CA GLY F 82 5.88 7.12 -10.14
C GLY F 82 5.67 7.08 -11.66
N GLN F 83 5.87 8.21 -12.29
CA GLN F 83 5.73 8.31 -13.75
C GLN F 83 6.87 7.63 -14.47
N ALA F 84 8.06 7.70 -13.90
CA ALA F 84 9.23 6.98 -14.43
C ALA F 84 8.94 5.47 -14.36
N VAL F 85 8.36 5.04 -13.25
CA VAL F 85 8.02 3.65 -13.10
C VAL F 85 7.03 3.25 -14.20
N THR F 86 6.01 4.08 -14.39
CA THR F 86 5.00 3.80 -15.42
C THR F 86 5.67 3.75 -16.81
N LEU F 87 6.54 4.72 -17.12
CA LEU F 87 7.24 4.77 -18.38
C LEU F 87 8.13 3.55 -18.58
N LEU F 88 8.82 3.13 -17.55
CA LEU F 88 9.66 1.94 -17.65
C LEU F 88 8.80 0.66 -17.88
N LYS F 89 7.68 0.54 -17.16
CA LYS F 89 6.84 -0.63 -17.34
C LYS F 89 6.21 -0.63 -18.74
N LEU F 90 5.92 0.57 -19.24
CA LEU F 90 5.35 0.69 -20.57
C LEU F 90 6.32 0.18 -21.62
N VAL F 91 7.54 0.63 -21.50
CA VAL F 91 8.60 0.29 -22.45
C VAL F 91 8.89 -1.17 -22.43
N GLN F 92 8.83 -1.75 -21.24
CA GLN F 92 9.08 -3.16 -21.10
C GLN F 92 8.00 -3.96 -21.89
N ARG F 93 6.72 -3.55 -21.77
CA ARG F 93 5.62 -4.33 -22.30
C ARG F 93 5.39 -4.02 -23.79
N HIS F 94 5.62 -2.78 -24.18
CA HIS F 94 5.38 -2.31 -25.53
C HIS F 94 6.67 -1.67 -26.07
N PRO F 95 7.59 -2.50 -26.57
CA PRO F 95 8.93 -2.01 -26.89
C PRO F 95 8.91 -0.85 -27.90
N GLU F 96 7.91 -0.79 -28.77
CA GLU F 96 7.83 0.31 -29.73
C GLU F 96 7.68 1.65 -29.03
N THR F 97 7.29 1.64 -27.76
CA THR F 97 7.10 2.87 -27.00
C THR F 97 8.36 3.68 -26.93
N LEU F 98 9.49 3.00 -26.92
CA LEU F 98 10.75 3.70 -26.82
C LEU F 98 10.94 4.55 -28.08
N SER F 99 10.59 4.01 -29.24
CA SER F 99 10.74 4.79 -30.48
C SER F 99 9.75 5.97 -30.52
N HIS F 100 8.53 5.73 -30.12
CA HIS F 100 7.58 6.84 -29.99
C HIS F 100 8.14 7.98 -29.11
N ILE F 101 8.73 7.59 -27.97
CA ILE F 101 9.25 8.54 -26.99
C ILE F 101 10.41 9.30 -27.60
N ALA F 102 11.26 8.62 -28.38
CA ALA F 102 12.37 9.32 -28.99
C ALA F 102 11.91 10.44 -29.90
N GLU F 103 10.73 10.29 -30.47
CA GLU F 103 10.31 11.20 -31.51
C GLU F 103 9.45 12.35 -30.99
N LEU F 104 9.24 12.39 -29.67
CA LEU F 104 8.47 13.47 -29.07
C LEU F 104 9.28 14.77 -29.01
N ILE G 40 -26.81 -10.66 -12.29
CA ILE G 40 -26.20 -10.18 -13.53
C ILE G 40 -25.33 -11.30 -14.09
N SER G 41 -25.43 -11.51 -15.41
CA SER G 41 -24.70 -12.57 -16.09
C SER G 41 -23.31 -12.11 -16.55
N PRO G 42 -22.37 -13.05 -16.77
CA PRO G 42 -21.08 -12.66 -17.31
C PRO G 42 -21.21 -11.87 -18.59
N ASP G 43 -22.12 -12.28 -19.47
CA ASP G 43 -22.35 -11.58 -20.74
C ASP G 43 -22.83 -10.16 -20.50
N GLU G 44 -23.67 -9.95 -19.49
CA GLU G 44 -24.19 -8.62 -19.23
C GLU G 44 -23.10 -7.69 -18.69
N ILE G 45 -22.19 -8.23 -17.91
CA ILE G 45 -21.06 -7.47 -17.42
C ILE G 45 -20.23 -6.98 -18.61
N VAL G 46 -19.96 -7.87 -19.56
CA VAL G 46 -19.19 -7.48 -20.73
C VAL G 46 -19.84 -6.31 -21.48
N SER G 47 -21.16 -6.43 -21.60
CA SER G 47 -21.99 -5.47 -22.32
C SER G 47 -21.97 -4.11 -21.66
N ILE G 48 -21.94 -4.10 -20.33
CA ILE G 48 -21.91 -2.86 -19.61
C ILE G 48 -20.63 -2.15 -19.94
N ARG G 49 -19.54 -2.90 -19.90
CA ARG G 49 -18.26 -2.32 -20.23
C ARG G 49 -18.25 -1.77 -21.64
N GLU G 50 -18.77 -2.59 -22.54
CA GLU G 50 -18.79 -2.27 -23.96
C GLU G 50 -19.67 -1.05 -24.25
N GLN G 51 -20.60 -0.74 -23.37
CA GLN G 51 -21.36 0.44 -23.51
C GLN G 51 -20.47 1.66 -23.64
N PHE G 52 -19.37 1.64 -22.93
CA PHE G 52 -18.43 2.75 -22.84
C PHE G 52 -17.34 2.65 -23.90
N ASN G 53 -17.37 1.57 -24.67
CA ASN G 53 -16.32 1.30 -25.64
C ASN G 53 -14.94 1.33 -24.99
N MET G 54 -14.83 0.70 -23.82
CA MET G 54 -13.61 0.71 -23.03
C MET G 54 -13.00 -0.68 -22.97
N SER G 55 -11.68 -0.74 -22.93
CA SER G 55 -10.99 -2.00 -22.69
C SER G 55 -11.22 -2.49 -21.26
N ARG G 56 -10.98 -3.78 -21.04
CA ARG G 56 -11.13 -4.35 -19.70
C ARG G 56 -10.26 -3.61 -18.69
N GLY G 57 -9.02 -3.34 -19.06
CA GLY G 57 -8.13 -2.65 -18.16
C GLY G 57 -8.59 -1.24 -17.84
N VAL G 58 -9.08 -0.50 -18.83
CA VAL G 58 -9.46 0.86 -18.57
C VAL G 58 -10.70 0.90 -17.67
N PHE G 59 -11.67 0.06 -18.01
CA PHE G 59 -12.93 0.02 -17.27
C PHE G 59 -12.64 -0.38 -15.82
N ALA G 60 -11.85 -1.44 -15.63
CA ALA G 60 -11.52 -1.91 -14.28
C ALA G 60 -10.80 -0.85 -13.45
N ARG G 61 -9.84 -0.17 -14.06
CA ARG G 61 -9.10 0.85 -13.33
C ARG G 61 -10.04 2.00 -12.88
N LEU G 62 -10.96 2.41 -13.74
CA LEU G 62 -11.89 3.47 -13.36
C LEU G 62 -12.84 3.04 -12.26
N LEU G 63 -13.10 1.73 -12.17
CA LEU G 63 -13.93 1.16 -11.12
C LEU G 63 -13.12 0.73 -9.90
N HIS G 64 -11.84 1.08 -9.83
CA HIS G 64 -10.96 0.73 -8.70
C HIS G 64 -10.93 -0.78 -8.49
N THR G 65 -11.00 -1.54 -9.58
CA THR G 65 -11.06 -2.97 -9.50
C THR G 65 -9.87 -3.45 -10.32
N SER G 66 -9.39 -4.64 -10.09
CA SER G 66 -8.26 -5.13 -10.88
C SER G 66 -8.80 -5.74 -12.15
N SER G 67 -7.94 -5.72 -13.16
CA SER G 67 -8.32 -6.25 -14.46
C SER G 67 -8.68 -7.73 -14.35
N ARG G 68 -7.91 -8.44 -13.54
CA ARG G 68 -8.11 -9.87 -13.41
C ARG G 68 -9.45 -10.14 -12.76
N THR G 69 -9.82 -9.35 -11.77
CA THR G 69 -11.11 -9.53 -11.15
C THR G 69 -12.21 -9.31 -12.17
N LEU G 70 -12.13 -8.22 -12.94
CA LEU G 70 -13.15 -7.98 -13.95
C LEU G 70 -13.19 -9.11 -14.97
N GLU G 71 -12.00 -9.52 -15.43
CA GLU G 71 -11.91 -10.63 -16.38
C GLU G 71 -12.56 -11.90 -15.83
N ASN G 72 -12.33 -12.20 -14.54
CA ASN G 72 -12.97 -13.34 -13.94
C ASN G 72 -14.49 -13.24 -13.92
N TRP G 73 -15.04 -12.06 -13.64
CA TRP G 73 -16.50 -11.88 -13.67
C TRP G 73 -17.00 -12.07 -15.09
N GLU G 74 -16.29 -11.48 -16.05
CA GLU G 74 -16.68 -11.56 -17.45
C GLU G 74 -16.63 -12.99 -17.99
N GLN G 75 -15.75 -13.84 -17.45
CA GLN G 75 -15.67 -15.24 -17.90
C GLN G 75 -16.37 -16.25 -16.98
N GLY G 76 -17.01 -15.78 -15.92
CA GLY G 76 -17.76 -16.66 -15.04
C GLY G 76 -16.88 -17.47 -14.12
N ARG G 77 -15.64 -17.03 -13.97
CA ARG G 77 -14.70 -17.70 -13.08
C ARG G 77 -15.00 -17.32 -11.62
N SER G 78 -15.54 -16.12 -11.42
CA SER G 78 -16.06 -15.71 -10.10
C SER G 78 -17.34 -14.88 -10.32
N VAL G 79 -18.15 -14.78 -9.26
CA VAL G 79 -19.39 -14.00 -9.33
C VAL G 79 -19.18 -12.70 -8.55
N PRO G 80 -19.60 -11.54 -9.12
CA PRO G 80 -19.40 -10.29 -8.39
C PRO G 80 -20.26 -10.24 -7.12
N ASN G 81 -19.78 -9.60 -6.06
CA ASN G 81 -20.61 -9.41 -4.87
C ASN G 81 -21.76 -8.42 -5.13
N GLY G 82 -22.66 -8.27 -4.18
CA GLY G 82 -23.79 -7.38 -4.34
C GLY G 82 -23.46 -5.92 -4.61
N GLN G 83 -22.39 -5.39 -3.99
CA GLN G 83 -22.05 -4.00 -4.16
C GLN G 83 -21.39 -3.78 -5.50
N ALA G 84 -20.59 -4.76 -5.94
CA ALA G 84 -19.99 -4.69 -7.28
C ALA G 84 -21.09 -4.71 -8.34
N VAL G 85 -22.06 -5.56 -8.16
CA VAL G 85 -23.20 -5.57 -9.06
C VAL G 85 -23.90 -4.23 -9.02
N THR G 86 -24.12 -3.67 -7.83
CA THR G 86 -24.78 -2.37 -7.75
C THR G 86 -23.96 -1.34 -8.48
N LEU G 87 -22.65 -1.37 -8.28
CA LEU G 87 -21.80 -0.45 -8.97
C LEU G 87 -21.93 -0.58 -10.49
N LEU G 88 -21.95 -1.81 -10.99
CA LEU G 88 -22.01 -2.04 -12.44
C LEU G 88 -23.32 -1.52 -13.01
N LYS G 89 -24.40 -1.86 -12.31
CA LYS G 89 -25.72 -1.45 -12.77
C LYS G 89 -25.89 0.07 -12.70
N LEU G 90 -25.29 0.64 -11.68
CA LEU G 90 -25.29 2.07 -11.49
C LEU G 90 -24.60 2.79 -12.65
N VAL G 91 -23.44 2.27 -13.03
CA VAL G 91 -22.72 2.80 -14.14
C VAL G 91 -23.46 2.64 -15.46
N GLN G 92 -24.13 1.51 -15.59
CA GLN G 92 -24.86 1.21 -16.78
C GLN G 92 -25.96 2.23 -17.00
N ARG G 93 -26.71 2.53 -15.94
CA ARG G 93 -27.85 3.44 -16.08
C ARG G 93 -27.43 4.91 -16.01
N HIS G 94 -26.42 5.19 -15.18
CA HIS G 94 -25.96 6.54 -14.94
C HIS G 94 -24.48 6.63 -15.28
N PRO G 95 -24.15 6.76 -16.57
CA PRO G 95 -22.75 6.63 -16.97
C PRO G 95 -21.82 7.68 -16.33
N GLU G 96 -22.33 8.83 -15.88
CA GLU G 96 -21.50 9.84 -15.19
C GLU G 96 -20.88 9.31 -13.94
N THR G 97 -21.51 8.27 -13.41
CA THR G 97 -21.06 7.68 -12.18
C THR G 97 -19.66 7.19 -12.31
N LEU G 98 -19.29 6.79 -13.52
CA LEU G 98 -17.96 6.24 -13.71
C LEU G 98 -16.92 7.30 -13.44
N SER G 99 -17.22 8.50 -13.91
CA SER G 99 -16.35 9.62 -13.64
C SER G 99 -16.36 9.98 -12.17
N HIS G 100 -17.54 9.96 -11.55
CA HIS G 100 -17.60 10.21 -10.11
C HIS G 100 -16.76 9.25 -9.32
N ILE G 101 -16.87 7.98 -9.68
CA ILE G 101 -16.15 6.93 -8.99
C ILE G 101 -14.66 7.14 -9.20
N ALA G 102 -14.31 7.48 -10.44
CA ALA G 102 -12.91 7.67 -10.78
C ALA G 102 -12.32 8.83 -9.98
N GLU G 103 -13.19 9.74 -9.53
CA GLU G 103 -12.74 10.96 -8.85
C GLU G 103 -12.69 10.88 -7.33
N LEU G 104 -13.00 9.71 -6.77
CA LEU G 104 -12.94 9.51 -5.32
C LEU G 104 -11.51 9.51 -4.76
N GLU H 37 -5.34 2.36 -2.21
CA GLU H 37 -6.69 1.80 -2.20
C GLU H 37 -7.64 2.65 -1.36
N LEU H 38 -8.90 2.75 -1.78
CA LEU H 38 -9.89 3.49 -1.00
C LEU H 38 -10.12 2.76 0.30
N ASN H 39 -10.27 3.50 1.39
CA ASN H 39 -10.52 2.89 2.69
C ASN H 39 -11.54 3.70 3.48
N ILE H 40 -12.17 3.04 4.44
CA ILE H 40 -13.21 3.66 5.22
C ILE H 40 -13.19 3.09 6.62
N SER H 41 -13.35 3.95 7.62
CA SER H 41 -13.37 3.50 9.00
C SER H 41 -14.78 3.06 9.41
N PRO H 42 -14.89 2.18 10.41
CA PRO H 42 -16.21 1.76 10.88
C PRO H 42 -17.14 2.90 11.26
N ASP H 43 -16.62 3.87 12.00
CA ASP H 43 -17.40 5.04 12.40
C ASP H 43 -17.86 5.89 11.22
N GLU H 44 -17.06 5.93 10.17
CA GLU H 44 -17.41 6.71 9.00
C GLU H 44 -18.60 6.02 8.29
N ILE H 45 -18.61 4.70 8.29
CA ILE H 45 -19.75 3.94 7.73
C ILE H 45 -21.03 4.32 8.44
N VAL H 46 -20.97 4.39 9.75
CA VAL H 46 -22.15 4.85 10.48
C VAL H 46 -22.56 6.29 10.08
N SER H 47 -21.58 7.19 9.97
CA SER H 47 -21.90 8.59 9.70
C SER H 47 -22.51 8.75 8.34
N ILE H 48 -22.04 7.98 7.35
CA ILE H 48 -22.64 8.03 6.03
C ILE H 48 -24.12 7.66 6.11
N ARG H 49 -24.42 6.60 6.84
CA ARG H 49 -25.81 6.19 6.98
C ARG H 49 -26.64 7.26 7.66
N GLU H 50 -26.08 7.85 8.69
CA GLU H 50 -26.79 8.89 9.43
C GLU H 50 -27.03 10.16 8.63
N GLN H 51 -26.19 10.43 7.62
CA GLN H 51 -26.40 11.57 6.71
C GLN H 51 -27.82 11.58 6.15
N PHE H 52 -28.36 10.37 5.98
CA PHE H 52 -29.65 10.14 5.37
C PHE H 52 -30.79 9.90 6.40
N ASN H 53 -30.47 9.93 7.68
CA ASN H 53 -31.43 9.56 8.72
C ASN H 53 -31.96 8.14 8.49
N MET H 54 -31.09 7.22 8.08
CA MET H 54 -31.57 5.88 7.73
C MET H 54 -31.25 4.88 8.79
N SER H 55 -32.18 3.95 8.95
CA SER H 55 -31.92 2.87 9.82
C SER H 55 -30.90 1.97 9.15
N ARG H 56 -30.25 1.18 9.97
CA ARG H 56 -29.27 0.19 9.47
C ARG H 56 -29.88 -0.82 8.50
N GLY H 57 -31.07 -1.35 8.78
CA GLY H 57 -31.63 -2.31 7.87
C GLY H 57 -31.96 -1.73 6.50
N VAL H 58 -32.51 -0.52 6.47
CA VAL H 58 -32.93 0.05 5.19
C VAL H 58 -31.67 0.40 4.38
N PHE H 59 -30.69 0.96 5.07
CA PHE H 59 -29.43 1.32 4.41
C PHE H 59 -28.78 0.06 3.85
N ALA H 60 -28.77 -0.98 4.64
CA ALA H 60 -28.20 -2.25 4.20
C ALA H 60 -28.88 -2.80 2.98
N ARG H 61 -30.22 -2.79 2.95
CA ARG H 61 -30.90 -3.33 1.80
C ARG H 61 -30.58 -2.49 0.54
N LEU H 62 -30.46 -1.17 0.70
CA LEU H 62 -30.14 -0.36 -0.48
C LEU H 62 -28.75 -0.68 -0.99
N LEU H 63 -27.86 -1.16 -0.11
CA LEU H 63 -26.52 -1.58 -0.58
C LEU H 63 -26.46 -3.06 -0.94
N HIS H 64 -27.62 -3.71 -0.95
CA HIS H 64 -27.69 -5.15 -1.21
C HIS H 64 -26.83 -5.99 -0.25
N THR H 65 -26.84 -5.61 1.02
CA THR H 65 -26.26 -6.43 2.09
C THR H 65 -27.29 -6.56 3.20
N SER H 66 -26.93 -7.27 4.25
CA SER H 66 -27.82 -7.48 5.39
C SER H 66 -27.55 -6.53 6.56
N SER H 67 -28.54 -6.28 7.40
CA SER H 67 -28.32 -5.50 8.60
C SER H 67 -27.16 -6.08 9.45
N ARG H 68 -27.04 -7.40 9.50
CA ARG H 68 -26.03 -8.06 10.32
C ARG H 68 -24.61 -7.79 9.79
N THR H 69 -24.47 -7.86 8.46
CA THR H 69 -23.21 -7.63 7.82
C THR H 69 -22.85 -6.16 7.96
N LEU H 70 -23.82 -5.28 7.74
CA LEU H 70 -23.56 -3.87 7.91
C LEU H 70 -23.13 -3.61 9.32
N GLU H 71 -23.73 -4.34 10.26
CA GLU H 71 -23.38 -4.14 11.67
C GLU H 71 -21.91 -4.58 11.86
N ASN H 72 -21.48 -5.65 11.20
CA ASN H 72 -20.11 -6.03 11.32
C ASN H 72 -19.11 -4.96 10.81
N TRP H 73 -19.45 -4.33 9.68
CA TRP H 73 -18.63 -3.27 9.13
C TRP H 73 -18.61 -2.10 10.07
N GLU H 74 -19.79 -1.77 10.59
CA GLU H 74 -19.89 -0.65 11.48
C GLU H 74 -19.12 -0.88 12.78
N GLN H 75 -18.99 -2.13 13.20
CA GLN H 75 -18.30 -2.46 14.43
C GLN H 75 -16.84 -2.89 14.21
N GLY H 76 -16.44 -3.04 12.96
CA GLY H 76 -15.07 -3.33 12.60
C GLY H 76 -14.62 -4.76 12.73
N ARG H 77 -15.57 -5.66 12.83
CA ARG H 77 -15.24 -7.07 12.90
C ARG H 77 -14.82 -7.53 11.53
N SER H 78 -15.37 -6.85 10.51
CA SER H 78 -15.06 -7.11 9.13
C SER H 78 -14.94 -5.76 8.43
N VAL H 79 -14.26 -5.73 7.30
CA VAL H 79 -14.18 -4.51 6.50
C VAL H 79 -14.99 -4.74 5.20
N PRO H 80 -15.67 -3.70 4.69
CA PRO H 80 -16.41 -3.95 3.45
C PRO H 80 -15.48 -4.41 2.33
N ASN H 81 -15.99 -5.15 1.36
CA ASN H 81 -15.24 -5.49 0.16
C ASN H 81 -14.95 -4.17 -0.62
N GLY H 82 -14.08 -4.23 -1.60
CA GLY H 82 -13.63 -3.02 -2.28
C GLY H 82 -14.73 -2.27 -2.98
N GLN H 83 -15.67 -2.98 -3.61
CA GLN H 83 -16.74 -2.29 -4.31
C GLN H 83 -17.71 -1.66 -3.34
N ALA H 84 -17.89 -2.31 -2.20
CA ALA H 84 -18.73 -1.72 -1.13
C ALA H 84 -18.11 -0.42 -0.62
N VAL H 85 -16.79 -0.40 -0.44
CA VAL H 85 -16.08 0.81 -0.01
C VAL H 85 -16.28 1.91 -1.06
N THR H 86 -16.11 1.56 -2.33
CA THR H 86 -16.35 2.54 -3.40
C THR H 86 -17.80 3.08 -3.35
N LEU H 87 -18.77 2.19 -3.26
CA LEU H 87 -20.16 2.61 -3.22
C LEU H 87 -20.44 3.50 -2.01
N LEU H 88 -19.88 3.14 -0.86
CA LEU H 88 -20.10 3.97 0.32
C LEU H 88 -19.52 5.38 0.12
N LYS H 89 -18.34 5.43 -0.48
CA LYS H 89 -17.65 6.72 -0.75
C LYS H 89 -18.43 7.50 -1.75
N LEU H 90 -18.99 6.79 -2.73
CA LEU H 90 -19.77 7.42 -3.75
C LEU H 90 -20.98 8.08 -3.16
N VAL H 91 -21.71 7.33 -2.32
CA VAL H 91 -22.92 7.80 -1.66
C VAL H 91 -22.61 8.95 -0.72
N GLN H 92 -21.46 8.83 -0.08
CA GLN H 92 -21.03 9.86 0.86
C GLN H 92 -20.88 11.19 0.14
N ARG H 93 -20.25 11.15 -1.03
CA ARG H 93 -19.91 12.36 -1.74
C ARG H 93 -21.04 12.88 -2.58
N HIS H 94 -21.80 11.94 -3.13
CA HIS H 94 -22.89 12.22 -4.07
C HIS H 94 -24.17 11.59 -3.52
N PRO H 95 -24.83 12.27 -2.57
CA PRO H 95 -25.96 11.66 -1.86
C PRO H 95 -27.09 11.22 -2.79
N GLU H 96 -27.22 11.87 -3.94
CA GLU H 96 -28.25 11.53 -4.92
C GLU H 96 -28.07 10.10 -5.41
N THR H 97 -26.86 9.57 -5.25
CA THR H 97 -26.57 8.23 -5.69
C THR H 97 -27.42 7.21 -4.97
N LEU H 98 -27.79 7.49 -3.72
CA LEU H 98 -28.57 6.53 -2.98
C LEU H 98 -29.96 6.43 -3.65
N SER H 99 -30.50 7.54 -4.13
CA SER H 99 -31.76 7.49 -4.87
C SER H 99 -31.57 6.74 -6.17
N HIS H 100 -30.47 6.99 -6.87
CA HIS H 100 -30.20 6.25 -8.09
C HIS H 100 -30.16 4.76 -7.85
N ILE H 101 -29.51 4.34 -6.77
CA ILE H 101 -29.36 2.94 -6.48
C ILE H 101 -30.74 2.31 -6.23
N ALA H 102 -31.59 2.99 -5.47
CA ALA H 102 -32.89 2.43 -5.12
C ALA H 102 -33.80 2.19 -6.34
N GLU H 103 -33.55 2.95 -7.41
CA GLU H 103 -34.38 2.91 -8.59
C GLU H 103 -33.78 2.02 -9.67
N LEU H 104 -32.71 1.31 -9.34
CA LEU H 104 -32.17 0.32 -10.28
C LEU H 104 -33.14 -0.87 -10.33
#